data_5VIJ
#
_entry.id   5VIJ
#
_cell.length_a   54.886
_cell.length_b   87.158
_cell.length_c   122.254
_cell.angle_alpha   90.00
_cell.angle_beta   90.00
_cell.angle_gamma   90.00
#
_symmetry.space_group_name_H-M   'P 21 21 21'
#
loop_
_entity.id
_entity.type
_entity.pdbx_description
1 polymer 'Glutamate receptor ionotropic, NMDA 1'
2 polymer 'Glutamate receptor ionotropic, NMDA 2A'
3 non-polymer GLYCINE
4 non-polymer '5-[(2R)-2-amino-2-carboxyethyl]-1-(4-bromophenyl)-1H-pyrazole-3-carboxylic acid'
5 water water
#
loop_
_entity_poly.entity_id
_entity_poly.type
_entity_poly.pdbx_seq_one_letter_code
_entity_poly.pdbx_strand_id
1 'polypeptide(L)'
;GMSTRLKIVTIHQEPFVYVKPTMSDGTCKEEFTVNGDPVKKVICTGPNDTSPGSPRHTVPQCCYGFCIDLLIKLARTMNF
TYEVHLVADGKFGTQERVNNSNKKEWNGMMGELLSGQADMIVAPLTINNERAQYIEFSKPFKYQGLTILVKKGTRITGIN
DPRLRNPSDKFIYATVKQSSVDIYFRRQVELSTMYRHMEKHNYESAAEAIQAVRDNKLHAFIWDSAVLEFEASQKCDLVT
TGELFFRSGFGIGMRKDSPWKQNVSLSILKSHENGFMEDLDKTWVRYQECDS
;
A
2 'polypeptide(L)'
;SDDNHLSIVTLEEAPFVIVEDIDPLTETCVRNTVPCRKFVKINNSTNEGMNVKKCCKGFCIDILKKLSRTVKFTYDLYLV
TNGKHGKKVNNVWNGMIGEVVYQRAVMAVGSLTINEERSEVVDFSVPFVETGISVMVSRGTQVTGLSDKKFQRPHDYSPP
FRFGTVPNGSTERNIRNNYPYMHQYMTRFNQRGVEDALVSLKTGKLDAFIYDAAVLNYKAGRDEGCKLVTIGSGYIFATT
GYGIALQKGSPWKRQIDLALLQFVGDGEMEELETLWLTGICHN
;
B
#
# COMPACT_ATOMS: atom_id res chain seq x y z
N ARG A 5 15.23 -13.14 22.29
CA ARG A 5 15.63 -13.74 21.01
C ARG A 5 14.40 -14.20 20.22
N LEU A 6 13.99 -13.40 19.24
CA LEU A 6 12.74 -13.65 18.54
C LEU A 6 12.89 -14.85 17.61
N LYS A 7 11.87 -15.69 17.60
CA LYS A 7 11.81 -16.81 16.67
C LYS A 7 11.06 -16.33 15.44
N ILE A 8 11.80 -16.15 14.33
CA ILE A 8 11.25 -15.69 13.06
C ILE A 8 10.88 -16.90 12.23
N VAL A 9 9.64 -16.95 11.76
CA VAL A 9 9.24 -17.94 10.75
C VAL A 9 9.15 -17.24 9.41
N THR A 10 9.59 -17.93 8.37
CA THR A 10 9.47 -17.36 7.03
C THR A 10 9.13 -18.52 6.10
N ILE A 11 9.21 -18.26 4.79
CA ILE A 11 8.80 -19.24 3.79
C ILE A 11 9.62 -18.98 2.54
N HIS A 12 9.82 -20.02 1.72
CA HIS A 12 10.58 -19.88 0.49
C HIS A 12 9.73 -19.16 -0.55
N GLN A 13 10.20 -18.03 -1.04
CA GLN A 13 9.42 -17.25 -2.00
C GLN A 13 10.25 -16.15 -2.66
N GLU A 14 10.91 -16.48 -3.75
CA GLU A 14 11.75 -15.51 -4.46
C GLU A 14 10.87 -14.48 -5.14
N PRO A 15 11.30 -13.21 -5.13
CA PRO A 15 12.57 -12.69 -4.59
C PRO A 15 12.55 -12.23 -3.15
N PHE A 16 11.57 -12.66 -2.36
CA PHE A 16 11.53 -12.18 -0.99
C PHE A 16 12.39 -13.03 -0.06
N VAL A 17 12.40 -14.34 -0.28
CA VAL A 17 13.24 -15.24 0.50
C VAL A 17 13.84 -16.27 -0.46
N TYR A 18 15.16 -16.20 -0.64
CA TYR A 18 15.91 -17.27 -1.29
C TYR A 18 16.41 -18.25 -0.24
N VAL A 19 16.54 -19.51 -0.63
CA VAL A 19 16.96 -20.57 0.30
C VAL A 19 18.00 -21.41 -0.42
N LYS A 20 19.24 -21.37 0.07
CA LYS A 20 20.34 -22.05 -0.61
C LYS A 20 21.13 -22.88 0.38
N PRO A 21 21.74 -23.98 -0.08
CA PRO A 21 22.57 -24.80 0.80
C PRO A 21 23.73 -24.01 1.37
N THR A 22 24.09 -24.35 2.59
CA THR A 22 25.27 -23.81 3.24
C THR A 22 26.52 -24.27 2.49
N MET A 23 27.67 -23.76 2.90
CA MET A 23 28.92 -24.31 2.41
C MET A 23 29.33 -25.47 3.31
N SER A 24 30.54 -25.99 3.09
CA SER A 24 30.97 -27.21 3.78
C SER A 24 31.16 -26.97 5.28
N ASP A 25 31.75 -25.83 5.65
CA ASP A 25 31.96 -25.54 7.07
C ASP A 25 30.75 -24.84 7.69
N GLY A 26 29.57 -24.97 7.09
CA GLY A 26 28.35 -24.46 7.67
C GLY A 26 28.17 -22.96 7.60
N THR A 27 29.01 -22.27 6.84
CA THR A 27 28.88 -20.84 6.63
C THR A 27 28.21 -20.56 5.29
N CYS A 28 27.82 -19.32 5.09
CA CYS A 28 27.17 -18.92 3.84
C CYS A 28 28.17 -18.25 2.92
N LYS A 29 28.06 -18.58 1.62
CA LYS A 29 28.90 -17.98 0.59
C LYS A 29 28.79 -16.45 0.59
N GLU A 30 29.94 -15.77 0.58
CA GLU A 30 29.94 -14.31 0.48
C GLU A 30 29.70 -13.88 -0.96
N GLU A 31 28.85 -12.86 -1.13
CA GLU A 31 28.28 -12.57 -2.44
C GLU A 31 27.90 -11.10 -2.52
N PHE A 32 27.88 -10.56 -3.74
CA PHE A 32 27.52 -9.17 -3.97
C PHE A 32 26.56 -9.08 -5.14
N THR A 33 25.70 -8.07 -5.09
CA THR A 33 24.83 -7.79 -6.22
C THR A 33 25.66 -7.26 -7.40
N VAL A 34 25.12 -7.40 -8.61
CA VAL A 34 25.77 -6.85 -9.79
C VAL A 34 26.05 -5.35 -9.68
N ASN A 35 25.44 -4.66 -8.70
CA ASN A 35 25.69 -3.24 -8.45
C ASN A 35 26.67 -3.03 -7.31
N GLY A 36 27.24 -4.10 -6.78
CA GLY A 36 28.37 -3.96 -5.89
C GLY A 36 28.02 -3.91 -4.44
N ASP A 37 26.81 -4.33 -4.05
CA ASP A 37 26.42 -4.23 -2.66
C ASP A 37 26.37 -5.61 -2.01
N PRO A 38 26.76 -5.71 -0.74
CA PRO A 38 26.78 -7.02 -0.08
C PRO A 38 25.39 -7.65 -0.01
N VAL A 39 25.34 -8.93 -0.34
CA VAL A 39 24.14 -9.73 -0.11
C VAL A 39 24.20 -10.29 1.30
N LYS A 40 23.27 -9.88 2.15
CA LYS A 40 23.33 -10.22 3.56
C LYS A 40 22.61 -11.55 3.77
N LYS A 41 23.31 -12.53 4.34
CA LYS A 41 22.76 -13.87 4.49
C LYS A 41 22.63 -14.22 5.96
N VAL A 42 21.59 -15.00 6.27
CA VAL A 42 21.37 -15.51 7.62
C VAL A 42 21.17 -17.01 7.52
N ILE A 43 21.52 -17.71 8.59
CA ILE A 43 21.30 -19.15 8.68
C ILE A 43 19.84 -19.39 9.03
N CYS A 44 19.23 -20.37 8.37
CA CYS A 44 17.83 -20.69 8.63
C CYS A 44 17.62 -22.19 8.53
N THR A 45 17.04 -22.76 9.58
CA THR A 45 16.76 -24.18 9.65
C THR A 45 15.38 -24.47 9.07
N GLY A 46 15.15 -25.73 8.73
CA GLY A 46 13.88 -26.10 8.13
C GLY A 46 13.92 -27.41 7.35
N PRO A 47 12.72 -27.93 7.01
CA PRO A 47 12.41 -29.16 6.28
C PRO A 47 13.51 -29.72 5.38
N THR A 58 15.71 -31.34 8.07
CA THR A 58 15.96 -30.28 9.06
C THR A 58 17.46 -29.98 9.21
N VAL A 59 18.02 -29.28 8.23
CA VAL A 59 19.44 -28.91 8.23
C VAL A 59 19.51 -27.38 8.11
N PRO A 60 20.63 -26.78 8.51
CA PRO A 60 20.80 -25.34 8.29
C PRO A 60 21.02 -25.02 6.83
N GLN A 61 20.46 -23.89 6.39
CA GLN A 61 20.53 -23.42 5.02
C GLN A 61 20.79 -21.93 5.05
N CYS A 62 21.09 -21.35 3.89
CA CYS A 62 21.30 -19.91 3.77
C CYS A 62 20.03 -19.23 3.29
N CYS A 63 19.63 -18.16 3.97
CA CYS A 63 18.47 -17.37 3.61
C CYS A 63 18.91 -15.94 3.29
N TYR A 64 18.31 -15.39 2.24
CA TYR A 64 18.56 -13.99 1.88
C TYR A 64 17.44 -13.53 0.96
N GLY A 65 17.36 -12.21 0.79
CA GLY A 65 16.43 -11.61 -0.14
C GLY A 65 15.83 -10.35 0.44
N PHE A 66 14.77 -9.89 -0.22
CA PHE A 66 14.09 -8.67 0.19
C PHE A 66 13.71 -8.70 1.66
N CYS A 67 13.02 -9.77 2.08
CA CYS A 67 12.53 -9.85 3.46
C CYS A 67 13.67 -10.01 4.46
N ILE A 68 14.74 -10.69 4.05
CA ILE A 68 15.87 -10.88 4.96
C ILE A 68 16.54 -9.55 5.25
N ASP A 69 16.74 -8.70 4.22
CA ASP A 69 17.28 -7.36 4.44
C ASP A 69 16.38 -6.55 5.33
N LEU A 70 15.06 -6.69 5.16
CA LEU A 70 14.13 -6.02 6.05
C LEU A 70 14.33 -6.50 7.49
N LEU A 71 14.42 -7.81 7.68
CA LEU A 71 14.59 -8.35 9.03
C LEU A 71 15.88 -7.83 9.64
N ILE A 72 16.97 -7.89 8.89
CA ILE A 72 18.25 -7.37 9.38
C ILE A 72 18.12 -5.89 9.74
N LYS A 73 17.48 -5.10 8.87
CA LYS A 73 17.29 -3.69 9.18
C LYS A 73 16.45 -3.49 10.43
N LEU A 74 15.39 -4.28 10.60
CA LEU A 74 14.56 -4.13 11.78
C LEU A 74 15.31 -4.52 13.05
N ALA A 75 16.14 -5.58 12.96
CA ALA A 75 16.86 -6.07 14.13
C ALA A 75 17.78 -4.99 14.70
N ARG A 76 18.58 -4.35 13.84
CA ARG A 76 19.50 -3.34 14.32
C ARG A 76 18.76 -2.13 14.87
N THR A 77 17.66 -1.74 14.22
CA THR A 77 16.92 -0.56 14.63
C THR A 77 16.27 -0.74 15.99
N MET A 78 15.75 -1.93 16.28
CA MET A 78 14.96 -2.12 17.48
C MET A 78 15.67 -2.91 18.58
N ASN A 79 16.92 -3.34 18.34
CA ASN A 79 17.77 -3.93 19.38
C ASN A 79 17.21 -5.26 19.83
N PHE A 80 17.04 -6.19 18.89
CA PHE A 80 16.71 -7.56 19.22
C PHE A 80 17.51 -8.47 18.30
N THR A 81 17.61 -9.73 18.70
CA THR A 81 18.29 -10.75 17.92
C THR A 81 17.31 -11.88 17.59
N TYR A 82 17.67 -12.70 16.62
CA TYR A 82 16.69 -13.58 16.00
C TYR A 82 17.32 -14.90 15.62
N GLU A 83 16.47 -15.89 15.46
CA GLU A 83 16.79 -17.11 14.76
C GLU A 83 15.64 -17.39 13.82
N VAL A 84 15.97 -17.82 12.61
CA VAL A 84 15.02 -17.93 11.51
C VAL A 84 14.82 -19.41 11.19
N HIS A 85 13.55 -19.81 11.03
CA HIS A 85 13.23 -21.12 10.51
C HIS A 85 12.16 -21.01 9.44
N LEU A 86 12.16 -21.98 8.54
CA LEU A 86 11.15 -22.12 7.51
C LEU A 86 9.91 -22.84 8.06
N VAL A 87 8.73 -22.33 7.70
CA VAL A 87 7.47 -22.95 8.15
C VAL A 87 7.45 -24.44 7.78
N ALA A 88 7.02 -25.27 8.74
CA ALA A 88 7.06 -26.73 8.58
C ALA A 88 6.19 -27.20 7.41
N ASP A 89 4.90 -26.85 7.44
CA ASP A 89 4.04 -27.34 6.36
C ASP A 89 4.20 -26.56 5.06
N GLY A 90 5.13 -25.61 5.00
CA GLY A 90 5.36 -24.83 3.79
C GLY A 90 4.18 -24.02 3.32
N LYS A 91 3.30 -23.59 4.22
CA LYS A 91 2.11 -22.86 3.82
C LYS A 91 2.10 -21.47 4.42
N PHE A 92 1.31 -20.60 3.80
CA PHE A 92 1.17 -19.24 4.31
C PHE A 92 0.22 -19.19 5.50
N GLY A 93 -0.98 -19.73 5.34
CA GLY A 93 -1.91 -19.83 6.46
C GLY A 93 -3.35 -19.51 6.13
N THR A 94 -4.23 -20.51 6.22
CA THR A 94 -5.67 -20.27 6.27
C THR A 94 -6.24 -20.96 7.51
N GLN A 95 -7.52 -20.72 7.73
CA GLN A 95 -8.23 -21.26 8.87
C GLN A 95 -9.02 -22.48 8.41
N GLU A 96 -9.04 -23.53 9.21
CA GLU A 96 -9.66 -24.77 8.78
C GLU A 96 -10.45 -25.35 9.95
N ARG A 97 -11.51 -26.05 9.60
CA ARG A 97 -12.30 -26.78 10.59
C ARG A 97 -11.49 -27.94 11.17
N VAL A 98 -11.65 -28.19 12.47
CA VAL A 98 -11.01 -29.38 13.08
C VAL A 98 -11.94 -30.59 13.02
N ASN A 102 -17.42 -27.26 17.31
CA ASN A 102 -16.09 -27.72 16.94
C ASN A 102 -15.13 -26.53 16.79
N LYS A 103 -13.84 -26.83 16.96
CA LYS A 103 -12.79 -25.82 16.97
C LYS A 103 -12.35 -25.48 15.55
N LYS A 104 -11.65 -24.35 15.44
CA LYS A 104 -10.98 -23.98 14.21
C LYS A 104 -9.49 -23.83 14.50
N GLU A 105 -8.69 -23.99 13.47
CA GLU A 105 -7.26 -23.78 13.66
C GLU A 105 -6.64 -23.28 12.36
N TRP A 106 -5.59 -22.46 12.50
CA TRP A 106 -4.85 -21.98 11.35
C TRP A 106 -3.71 -22.92 11.04
N ASN A 107 -3.55 -23.25 9.76
CA ASN A 107 -2.35 -23.92 9.30
C ASN A 107 -1.28 -22.88 8.96
N GLY A 108 -0.15 -23.35 8.42
CA GLY A 108 0.92 -22.51 7.92
C GLY A 108 1.58 -21.59 8.95
N MET A 109 2.19 -20.53 8.43
CA MET A 109 2.88 -19.58 9.29
C MET A 109 1.93 -18.96 10.28
N MET A 110 0.67 -18.72 9.87
CA MET A 110 -0.36 -18.24 10.79
C MET A 110 -0.51 -19.16 11.99
N GLY A 111 -0.62 -20.47 11.76
CA GLY A 111 -0.71 -21.41 12.86
C GLY A 111 0.52 -21.38 13.75
N GLU A 112 1.70 -21.27 13.16
CA GLU A 112 2.92 -21.24 13.98
C GLU A 112 3.01 -19.96 14.80
N LEU A 113 2.64 -18.81 14.22
CA LEU A 113 2.62 -17.58 15.00
C LEU A 113 1.66 -17.69 16.18
N LEU A 114 0.52 -18.34 15.97
CA LEU A 114 -0.53 -18.34 17.00
C LEU A 114 -0.24 -19.31 18.12
N SER A 115 0.46 -20.40 17.82
CA SER A 115 0.80 -21.37 18.86
C SER A 115 2.10 -21.02 19.59
N GLY A 116 2.72 -19.90 19.27
CA GLY A 116 3.98 -19.59 19.89
C GLY A 116 5.19 -20.30 19.31
N GLN A 117 5.01 -21.15 18.29
CA GLN A 117 6.18 -21.67 17.58
C GLN A 117 6.99 -20.56 16.90
N ALA A 118 6.38 -19.41 16.66
CA ALA A 118 7.07 -18.25 16.10
C ALA A 118 6.59 -17.02 16.84
N ASP A 119 7.49 -16.07 17.03
CA ASP A 119 7.15 -14.78 17.62
C ASP A 119 6.81 -13.73 16.57
N MET A 120 7.08 -14.00 15.29
CA MET A 120 6.99 -12.99 14.25
C MET A 120 7.14 -13.63 12.88
N ILE A 121 6.27 -13.25 11.94
CA ILE A 121 6.31 -13.74 10.58
C ILE A 121 6.96 -12.67 9.73
N VAL A 122 8.09 -12.98 9.10
CA VAL A 122 8.75 -12.06 8.18
C VAL A 122 8.72 -12.74 6.82
N ALA A 123 7.72 -12.40 6.02
CA ALA A 123 7.45 -13.06 4.76
C ALA A 123 6.58 -12.16 3.93
N PRO A 124 6.40 -12.44 2.66
CA PRO A 124 5.38 -11.71 1.90
C PRO A 124 3.98 -12.17 2.32
N LEU A 125 3.61 -11.80 3.53
CA LEU A 125 2.35 -12.24 4.11
C LEU A 125 1.28 -11.22 3.82
N THR A 126 0.27 -11.60 3.03
CA THR A 126 -0.79 -10.68 2.69
C THR A 126 -1.62 -10.29 3.91
N ILE A 127 -1.84 -8.98 4.05
CA ILE A 127 -2.76 -8.40 5.04
C ILE A 127 -4.19 -8.53 4.51
N ASN A 128 -5.05 -9.21 5.27
CA ASN A 128 -6.48 -9.30 4.98
C ASN A 128 -7.26 -9.34 6.30
N ASN A 129 -8.58 -9.23 6.19
CA ASN A 129 -9.43 -9.13 7.39
C ASN A 129 -9.44 -10.43 8.18
N GLU A 130 -9.49 -11.59 7.50
CA GLU A 130 -9.57 -12.87 8.20
C GLU A 130 -8.40 -13.03 9.17
N ARG A 131 -7.17 -12.87 8.67
CA ARG A 131 -5.99 -12.98 9.51
C ARG A 131 -5.91 -11.87 10.55
N ALA A 132 -6.28 -10.64 10.18
CA ALA A 132 -6.09 -9.54 11.11
C ALA A 132 -7.04 -9.62 12.30
N GLN A 133 -8.12 -10.41 12.19
CA GLN A 133 -8.93 -10.70 13.37
C GLN A 133 -8.09 -11.33 14.48
N TYR A 134 -7.06 -12.11 14.13
CA TYR A 134 -6.33 -12.96 15.08
C TYR A 134 -4.92 -12.49 15.38
N ILE A 135 -4.25 -11.75 14.47
CA ILE A 135 -2.88 -11.29 14.68
C ILE A 135 -2.79 -9.79 14.39
N GLU A 136 -1.64 -9.21 14.71
CA GLU A 136 -1.32 -7.81 14.42
C GLU A 136 -0.42 -7.73 13.19
N PHE A 137 -0.84 -6.95 12.21
CA PHE A 137 0.02 -6.65 11.07
C PHE A 137 0.73 -5.31 11.26
N SER A 138 1.94 -5.22 10.71
CA SER A 138 2.55 -3.90 10.55
C SER A 138 1.83 -3.13 9.46
N LYS A 139 2.09 -1.82 9.38
CA LYS A 139 1.81 -1.10 8.14
C LYS A 139 2.52 -1.81 6.99
N PRO A 140 1.99 -1.74 5.77
CA PRO A 140 2.56 -2.56 4.69
C PRO A 140 3.99 -2.16 4.41
N PHE A 141 4.84 -3.16 4.19
CA PHE A 141 6.19 -2.90 3.74
C PHE A 141 6.33 -3.02 2.24
N LYS A 142 5.28 -3.46 1.54
CA LYS A 142 5.29 -3.66 0.11
C LYS A 142 3.84 -3.63 -0.37
N TYR A 143 3.54 -2.80 -1.37
CA TYR A 143 2.20 -2.71 -1.95
C TYR A 143 2.21 -3.37 -3.31
N GLN A 144 1.24 -4.24 -3.57
CA GLN A 144 1.27 -4.99 -4.84
C GLN A 144 -0.15 -5.46 -5.15
N GLY A 145 -0.28 -6.59 -5.85
CA GLY A 145 -1.60 -7.07 -6.18
C GLY A 145 -1.59 -8.48 -6.72
N LEU A 146 -2.74 -8.88 -7.27
CA LEU A 146 -2.88 -10.19 -7.89
C LEU A 146 -2.86 -10.04 -9.40
N THR A 147 -2.24 -11.00 -10.07
CA THR A 147 -2.15 -11.04 -11.52
C THR A 147 -2.10 -12.51 -11.94
N ILE A 148 -1.85 -12.75 -13.23
CA ILE A 148 -1.94 -14.07 -13.83
C ILE A 148 -0.68 -14.35 -14.61
N LEU A 149 0.03 -15.41 -14.23
CA LEU A 149 1.16 -15.90 -15.02
C LEU A 149 0.69 -16.97 -15.99
N VAL A 150 1.09 -16.86 -17.26
CA VAL A 150 0.90 -17.90 -18.27
C VAL A 150 2.23 -18.13 -18.98
N LYS A 151 2.31 -19.27 -19.68
CA LYS A 151 3.44 -19.51 -20.58
C LYS A 151 3.20 -18.81 -21.90
N LYS A 152 4.20 -18.05 -22.37
CA LYS A 152 4.08 -17.34 -23.63
C LYS A 152 3.72 -18.33 -24.73
N GLY A 153 2.74 -17.95 -25.55
CA GLY A 153 2.02 -18.89 -26.36
C GLY A 153 0.56 -18.86 -25.93
N THR A 154 0.33 -19.07 -24.63
CA THR A 154 -1.00 -18.87 -24.06
C THR A 154 -1.37 -17.40 -24.17
N ARG A 155 -2.65 -17.14 -24.42
CA ARG A 155 -3.13 -15.78 -24.59
C ARG A 155 -4.50 -15.67 -23.95
N ILE A 156 -4.64 -14.72 -23.02
CA ILE A 156 -5.92 -14.50 -22.33
C ILE A 156 -6.09 -13.01 -22.07
N THR A 157 -7.35 -12.61 -21.88
CA THR A 157 -7.69 -11.22 -21.62
C THR A 157 -7.10 -10.75 -20.30
N GLY A 158 -6.97 -11.66 -19.34
CA GLY A 158 -6.88 -11.33 -17.94
C GLY A 158 -7.99 -12.00 -17.14
N ILE A 159 -8.44 -11.34 -16.08
CA ILE A 159 -9.31 -11.98 -15.11
C ILE A 159 -10.71 -12.27 -15.66
N ASN A 160 -11.13 -11.61 -16.76
CA ASN A 160 -12.47 -11.81 -17.30
C ASN A 160 -12.49 -12.62 -18.59
N ASP A 161 -11.37 -13.21 -18.98
CA ASP A 161 -11.32 -14.07 -20.15
C ASP A 161 -12.41 -15.15 -20.07
N PRO A 162 -13.03 -15.51 -21.20
CA PRO A 162 -14.03 -16.59 -21.16
C PRO A 162 -13.50 -17.88 -20.57
N ARG A 163 -12.24 -18.24 -20.87
CA ARG A 163 -11.68 -19.49 -20.34
C ARG A 163 -11.60 -19.48 -18.82
N LEU A 164 -11.64 -18.30 -18.20
CA LEU A 164 -11.63 -18.17 -16.74
C LEU A 164 -13.02 -18.04 -16.15
N ARG A 165 -13.88 -17.22 -16.75
CA ARG A 165 -15.21 -16.96 -16.21
C ARG A 165 -16.16 -18.15 -16.31
N ASN A 166 -15.87 -19.15 -17.14
CA ASN A 166 -16.64 -20.40 -17.15
C ASN A 166 -15.71 -21.54 -17.55
N PRO A 167 -15.09 -22.18 -16.58
CA PRO A 167 -13.95 -23.07 -16.87
C PRO A 167 -14.39 -24.40 -17.43
N SER A 168 -13.38 -25.17 -17.84
CA SER A 168 -13.49 -26.58 -18.19
C SER A 168 -12.14 -27.22 -17.92
N ASP A 169 -12.04 -28.52 -18.18
CA ASP A 169 -10.72 -29.13 -18.04
C ASP A 169 -9.78 -28.78 -19.18
N LYS A 170 -10.29 -28.16 -20.25
CA LYS A 170 -9.44 -27.71 -21.34
C LYS A 170 -8.36 -26.76 -20.84
N PHE A 171 -8.78 -25.68 -20.16
CA PHE A 171 -7.90 -24.63 -19.67
C PHE A 171 -7.91 -24.69 -18.14
N ILE A 172 -6.81 -25.16 -17.54
CA ILE A 172 -6.70 -25.37 -16.11
C ILE A 172 -5.96 -24.18 -15.50
N TYR A 173 -6.60 -23.48 -14.56
CA TYR A 173 -5.92 -22.45 -13.78
C TYR A 173 -6.06 -22.75 -12.29
N ALA A 174 -5.17 -22.18 -11.48
CA ALA A 174 -5.08 -22.52 -10.07
C ALA A 174 -4.28 -21.45 -9.31
N THR A 175 -4.21 -21.62 -7.99
CA THR A 175 -3.35 -20.80 -7.15
C THR A 175 -2.69 -21.73 -6.13
N VAL A 176 -2.08 -21.15 -5.09
CA VAL A 176 -1.48 -21.95 -4.03
C VAL A 176 -2.54 -22.27 -2.98
N LYS A 177 -2.55 -23.51 -2.51
CA LYS A 177 -3.52 -23.87 -1.50
C LYS A 177 -3.12 -23.27 -0.16
N GLN A 178 -4.14 -22.93 0.62
CA GLN A 178 -3.98 -22.44 1.98
C GLN A 178 -3.20 -21.13 1.98
N SER A 179 -3.57 -20.25 1.07
CA SER A 179 -2.95 -18.94 0.88
C SER A 179 -4.03 -17.87 0.89
N SER A 180 -3.59 -16.61 1.01
CA SER A 180 -4.53 -15.50 0.94
C SER A 180 -5.32 -15.52 -0.36
N VAL A 181 -4.71 -16.01 -1.44
CA VAL A 181 -5.40 -16.04 -2.73
C VAL A 181 -6.53 -17.06 -2.71
N ASP A 182 -6.29 -18.23 -2.11
CA ASP A 182 -7.37 -19.21 -1.98
C ASP A 182 -8.51 -18.67 -1.12
N ILE A 183 -8.20 -18.01 -0.01
CA ILE A 183 -9.28 -17.37 0.78
C ILE A 183 -10.02 -16.37 -0.08
N TYR A 184 -9.30 -15.53 -0.83
CA TYR A 184 -9.94 -14.47 -1.60
C TYR A 184 -11.00 -15.03 -2.54
N PHE A 185 -10.70 -16.15 -3.19
CA PHE A 185 -11.68 -16.73 -4.10
C PHE A 185 -12.76 -17.51 -3.36
N ARG A 186 -12.43 -18.05 -2.18
CA ARG A 186 -13.42 -18.83 -1.44
C ARG A 186 -14.47 -17.94 -0.79
N ARG A 187 -14.14 -16.68 -0.48
CA ARG A 187 -15.03 -15.82 0.30
C ARG A 187 -16.04 -15.04 -0.53
N GLN A 188 -15.82 -14.87 -1.82
CA GLN A 188 -16.64 -13.95 -2.61
C GLN A 188 -17.66 -14.72 -3.42
N VAL A 189 -18.93 -14.35 -3.28
CA VAL A 189 -20.01 -15.15 -3.84
C VAL A 189 -19.97 -15.19 -5.37
N GLU A 190 -19.49 -14.11 -6.02
CA GLU A 190 -19.46 -14.05 -7.49
C GLU A 190 -18.21 -14.66 -8.12
N LEU A 191 -17.23 -15.10 -7.33
CA LEU A 191 -16.13 -15.91 -7.81
C LEU A 191 -16.38 -17.40 -7.57
N SER A 192 -17.65 -17.81 -7.39
CA SER A 192 -17.96 -19.16 -6.93
C SER A 192 -17.60 -20.22 -7.97
N THR A 193 -17.82 -19.94 -9.26
CA THR A 193 -17.46 -20.98 -10.24
C THR A 193 -15.94 -21.06 -10.42
N MET A 194 -15.25 -19.91 -10.41
CA MET A 194 -13.79 -19.94 -10.45
C MET A 194 -13.23 -20.76 -9.30
N TYR A 195 -13.80 -20.60 -8.10
CA TYR A 195 -13.28 -21.27 -6.92
C TYR A 195 -13.42 -22.79 -7.04
N ARG A 196 -14.59 -23.27 -7.49
CA ARG A 196 -14.78 -24.71 -7.63
C ARG A 196 -13.75 -25.31 -8.58
N HIS A 197 -13.51 -24.63 -9.71
CA HIS A 197 -12.49 -25.10 -10.63
C HIS A 197 -11.12 -25.12 -9.97
N MET A 198 -10.81 -24.12 -9.15
CA MET A 198 -9.45 -23.99 -8.66
C MET A 198 -9.13 -24.95 -7.52
N GLU A 199 -10.09 -25.21 -6.63
CA GLU A 199 -9.79 -26.03 -5.46
C GLU A 199 -9.34 -27.44 -5.87
N LYS A 200 -9.88 -27.95 -6.96
CA LYS A 200 -9.45 -29.26 -7.46
C LYS A 200 -8.10 -29.21 -8.17
N HIS A 201 -7.50 -28.03 -8.34
CA HIS A 201 -6.23 -27.91 -9.05
C HIS A 201 -5.15 -27.12 -8.33
N ASN A 202 -5.43 -26.55 -7.16
CA ASN A 202 -4.44 -25.71 -6.49
C ASN A 202 -3.16 -26.48 -6.25
N TYR A 203 -2.10 -25.74 -5.94
CA TYR A 203 -0.79 -26.33 -5.80
C TYR A 203 -0.28 -26.15 -4.38
N GLU A 204 0.76 -26.92 -4.04
CA GLU A 204 1.25 -26.81 -2.67
C GLU A 204 2.22 -25.66 -2.49
N SER A 205 2.81 -25.13 -3.57
CA SER A 205 3.70 -23.99 -3.46
C SER A 205 3.67 -23.17 -4.74
N ALA A 206 4.19 -21.94 -4.65
CA ALA A 206 4.30 -21.08 -5.82
C ALA A 206 5.25 -21.67 -6.87
N ALA A 207 6.42 -22.15 -6.42
CA ALA A 207 7.41 -22.70 -7.35
C ALA A 207 6.83 -23.86 -8.14
N GLU A 208 6.23 -24.83 -7.42
CA GLU A 208 5.59 -25.96 -8.08
C GLU A 208 4.55 -25.50 -9.09
N ALA A 209 3.81 -24.43 -8.78
CA ALA A 209 2.81 -23.95 -9.73
C ALA A 209 3.49 -23.32 -10.94
N ILE A 210 4.58 -22.59 -10.71
CA ILE A 210 5.30 -21.99 -11.83
C ILE A 210 5.97 -23.06 -12.67
N GLN A 211 6.55 -24.08 -12.03
CA GLN A 211 7.14 -25.18 -12.80
C GLN A 211 6.07 -25.92 -13.59
N ALA A 212 4.87 -26.05 -13.03
CA ALA A 212 3.78 -26.68 -13.77
C ALA A 212 3.27 -25.82 -14.92
N VAL A 213 3.55 -24.51 -14.90
CA VAL A 213 3.20 -23.68 -16.05
C VAL A 213 4.22 -23.87 -17.17
N ARG A 214 5.51 -23.92 -16.83
CA ARG A 214 6.51 -24.16 -17.86
C ARG A 214 6.28 -25.50 -18.55
N ASP A 215 5.94 -26.54 -17.77
CA ASP A 215 5.72 -27.90 -18.25
C ASP A 215 4.36 -28.10 -18.92
N ASN A 216 3.56 -27.05 -19.10
CA ASN A 216 2.25 -27.11 -19.77
C ASN A 216 1.21 -27.94 -19.04
N LYS A 217 1.49 -28.43 -17.83
CA LYS A 217 0.45 -29.11 -17.06
C LYS A 217 -0.57 -28.13 -16.48
N LEU A 218 -0.23 -26.84 -16.36
CA LEU A 218 -1.13 -25.81 -15.87
C LEU A 218 -1.03 -24.59 -16.76
N HIS A 219 -2.18 -23.98 -17.03
CA HIS A 219 -2.29 -22.96 -18.05
C HIS A 219 -2.42 -21.54 -17.52
N ALA A 220 -2.73 -21.35 -16.24
CA ALA A 220 -2.73 -20.01 -15.67
C ALA A 220 -2.51 -20.10 -14.16
N PHE A 221 -1.57 -19.31 -13.64
CA PHE A 221 -1.27 -19.23 -12.22
C PHE A 221 -1.66 -17.86 -11.70
N ILE A 222 -2.50 -17.83 -10.68
CA ILE A 222 -3.04 -16.59 -10.16
C ILE A 222 -2.38 -16.36 -8.82
N TRP A 223 -1.51 -15.34 -8.74
CA TRP A 223 -0.62 -15.23 -7.59
C TRP A 223 -0.22 -13.77 -7.42
N ASP A 224 0.64 -13.52 -6.43
CA ASP A 224 1.06 -12.17 -6.09
C ASP A 224 1.91 -11.57 -7.22
N SER A 225 1.56 -10.35 -7.63
CA SER A 225 2.27 -9.71 -8.74
C SER A 225 3.72 -9.49 -8.43
N ALA A 226 4.04 -9.21 -7.15
CA ALA A 226 5.43 -8.97 -6.78
C ALA A 226 6.29 -10.20 -7.03
N VAL A 227 5.69 -11.39 -6.97
CA VAL A 227 6.39 -12.62 -7.29
C VAL A 227 6.33 -12.94 -8.77
N LEU A 228 5.14 -12.79 -9.39
CA LEU A 228 4.92 -13.24 -10.77
C LEU A 228 5.70 -12.38 -11.78
N GLU A 229 5.80 -11.07 -11.54
CA GLU A 229 6.54 -10.22 -12.47
C GLU A 229 8.04 -10.51 -12.42
N PHE A 230 8.56 -10.77 -11.23
CA PHE A 230 9.95 -11.18 -11.13
C PHE A 230 10.20 -12.51 -11.87
N GLU A 231 9.28 -13.48 -11.71
CA GLU A 231 9.43 -14.76 -12.39
C GLU A 231 9.40 -14.57 -13.90
N ALA A 232 8.49 -13.75 -14.40
CA ALA A 232 8.38 -13.52 -15.84
C ALA A 232 9.63 -12.83 -16.39
N SER A 233 10.17 -11.87 -15.65
CA SER A 233 11.28 -11.10 -16.16
C SER A 233 12.58 -11.90 -16.19
N GLN A 234 12.63 -13.04 -15.50
CA GLN A 234 13.80 -13.90 -15.55
C GLN A 234 13.57 -15.22 -16.29
N LYS A 235 12.33 -15.63 -16.46
CA LYS A 235 12.00 -16.88 -17.15
C LYS A 235 11.14 -16.50 -18.34
N CYS A 236 11.78 -16.21 -19.46
CA CYS A 236 11.13 -15.54 -20.56
C CYS A 236 10.24 -16.46 -21.40
N ASP A 237 10.12 -17.74 -21.05
CA ASP A 237 9.00 -18.51 -21.56
C ASP A 237 7.68 -18.08 -20.92
N LEU A 238 7.73 -17.43 -19.76
CA LEU A 238 6.56 -17.05 -18.98
C LEU A 238 6.27 -15.56 -19.11
N VAL A 239 4.99 -15.21 -19.07
CA VAL A 239 4.55 -13.83 -19.14
C VAL A 239 3.34 -13.65 -18.24
N THR A 240 3.23 -12.48 -17.62
CA THR A 240 2.00 -12.12 -16.92
C THR A 240 1.09 -11.35 -17.87
N THR A 241 -0.17 -11.20 -17.47
CA THR A 241 -1.09 -10.40 -18.27
C THR A 241 -0.77 -8.91 -18.18
N GLY A 242 -0.32 -8.44 -17.02
CA GLY A 242 -0.02 -7.03 -16.82
C GLY A 242 -0.97 -6.36 -15.84
N GLU A 243 -2.25 -6.64 -15.97
CA GLU A 243 -3.23 -6.09 -15.04
C GLU A 243 -2.92 -6.53 -13.62
N LEU A 244 -3.26 -5.68 -12.66
CA LEU A 244 -3.55 -6.13 -11.31
C LEU A 244 -5.06 -6.07 -11.19
N PHE A 245 -5.68 -7.18 -10.78
CA PHE A 245 -7.14 -7.16 -10.63
C PHE A 245 -7.58 -6.98 -9.19
N PHE A 246 -6.65 -7.06 -8.25
CA PHE A 246 -6.93 -6.77 -6.86
C PHE A 246 -5.63 -6.24 -6.27
N ARG A 247 -5.74 -5.27 -5.39
CA ARG A 247 -4.56 -4.69 -4.76
C ARG A 247 -4.48 -5.13 -3.30
N SER A 248 -3.27 -5.50 -2.86
CA SER A 248 -3.08 -5.86 -1.47
C SER A 248 -1.62 -5.62 -1.06
N GLY A 249 -1.39 -5.58 0.24
CA GLY A 249 -0.06 -5.37 0.76
C GLY A 249 0.48 -6.53 1.58
N PHE A 250 1.80 -6.57 1.71
CA PHE A 250 2.46 -7.48 2.63
C PHE A 250 2.78 -6.74 3.92
N GLY A 251 2.59 -7.43 5.06
CA GLY A 251 2.92 -6.87 6.35
C GLY A 251 3.68 -7.88 7.21
N ILE A 252 4.38 -7.37 8.22
CA ILE A 252 4.97 -8.20 9.28
C ILE A 252 3.86 -8.71 10.18
N GLY A 253 3.88 -10.01 10.51
CA GLY A 253 2.88 -10.61 11.37
C GLY A 253 3.40 -10.80 12.79
N MET A 254 2.60 -10.35 13.76
CA MET A 254 2.94 -10.49 15.17
C MET A 254 1.67 -10.87 15.93
N ARG A 255 1.85 -11.45 17.11
CA ARG A 255 0.71 -11.76 17.95
C ARG A 255 0.11 -10.51 18.57
N LYS A 256 -1.16 -10.67 18.98
CA LYS A 256 -1.99 -9.59 19.50
C LYS A 256 -1.32 -8.81 20.63
N ASP A 257 -0.49 -9.45 21.44
CA ASP A 257 0.10 -8.74 22.57
C ASP A 257 1.34 -7.95 22.15
N SER A 258 2.23 -8.57 21.36
CA SER A 258 3.60 -8.19 21.03
C SER A 258 3.97 -6.73 21.31
N PRO A 259 4.97 -6.52 22.18
CA PRO A 259 5.49 -5.15 22.38
C PRO A 259 6.27 -4.61 21.19
N TRP A 260 6.57 -5.43 20.19
CA TRP A 260 7.26 -4.97 18.98
C TRP A 260 6.33 -4.31 17.96
N LYS A 261 5.02 -4.45 18.11
CA LYS A 261 4.09 -4.00 17.08
C LYS A 261 4.35 -2.55 16.67
N GLN A 262 4.31 -1.63 17.64
CA GLN A 262 4.36 -0.22 17.27
C GLN A 262 5.71 0.16 16.66
N ASN A 263 6.81 -0.27 17.28
CA ASN A 263 8.10 0.15 16.75
C ASN A 263 8.40 -0.51 15.39
N VAL A 264 7.92 -1.74 15.17
CA VAL A 264 8.11 -2.37 13.85
C VAL A 264 7.48 -1.53 12.76
N SER A 265 6.23 -1.11 12.95
CA SER A 265 5.56 -0.38 11.88
C SER A 265 6.14 1.02 11.71
N LEU A 266 6.54 1.67 12.83
CA LEU A 266 7.25 2.95 12.71
C LEU A 266 8.53 2.77 11.90
N SER A 267 9.21 1.65 12.09
CA SER A 267 10.42 1.43 11.32
C SER A 267 10.10 1.19 9.85
N ILE A 268 9.05 0.41 9.54
CA ILE A 268 8.61 0.28 8.15
C ILE A 268 8.32 1.65 7.55
N LEU A 269 7.55 2.49 8.25
CA LEU A 269 7.24 3.82 7.70
C LEU A 269 8.52 4.60 7.43
N LYS A 270 9.43 4.63 8.40
CA LYS A 270 10.66 5.38 8.23
C LYS A 270 11.46 4.88 7.03
N SER A 271 11.43 3.56 6.79
CA SER A 271 12.15 2.96 5.69
C SER A 271 11.55 3.29 4.32
N HIS A 272 10.22 3.50 4.25
CA HIS A 272 9.65 3.97 3.00
C HIS A 272 10.08 5.41 2.70
N GLU A 273 10.08 6.26 3.71
CA GLU A 273 10.42 7.65 3.51
C GLU A 273 11.91 7.87 3.32
N ASN A 274 12.73 6.91 3.76
CA ASN A 274 14.19 6.92 3.73
C ASN A 274 14.79 6.58 2.38
N GLY A 275 14.00 6.04 1.46
CA GLY A 275 14.55 5.44 0.28
C GLY A 275 15.06 4.02 0.48
N PHE A 276 15.13 3.54 1.73
CA PHE A 276 15.64 2.20 1.98
C PHE A 276 14.83 1.16 1.22
N MET A 277 13.50 1.16 1.42
CA MET A 277 12.63 0.20 0.74
C MET A 277 12.80 0.31 -0.76
N GLU A 278 13.02 1.52 -1.26
CA GLU A 278 13.28 1.73 -2.68
C GLU A 278 14.57 1.02 -3.11
N ASP A 279 15.61 1.09 -2.29
CA ASP A 279 16.81 0.34 -2.60
C ASP A 279 16.52 -1.17 -2.63
N LEU A 280 15.77 -1.66 -1.65
CA LEU A 280 15.38 -3.08 -1.67
C LEU A 280 14.64 -3.42 -2.95
N ASP A 281 13.68 -2.55 -3.33
CA ASP A 281 12.94 -2.77 -4.57
C ASP A 281 13.87 -2.79 -5.76
N LYS A 282 14.80 -1.82 -5.84
CA LYS A 282 15.82 -1.85 -6.88
C LYS A 282 16.56 -3.19 -6.89
N THR A 283 17.10 -3.58 -5.73
CA THR A 283 18.00 -4.71 -5.66
C THR A 283 17.30 -6.02 -6.04
N TRP A 284 16.13 -6.26 -5.46
CA TRP A 284 15.49 -7.59 -5.51
C TRP A 284 14.30 -7.70 -6.44
N VAL A 285 13.47 -6.65 -6.59
CA VAL A 285 12.13 -6.82 -7.16
C VAL A 285 12.02 -6.38 -8.61
N ARG A 286 12.82 -5.40 -9.04
CA ARG A 286 12.70 -4.81 -10.38
C ARG A 286 13.67 -5.43 -11.40
N TYR A 287 13.16 -5.61 -12.63
CA TYR A 287 13.96 -5.88 -13.85
C TYR A 287 13.24 -5.38 -15.11
N ASP B 3 -20.10 8.83 25.02
CA ASP B 3 -20.89 7.96 24.16
C ASP B 3 -20.05 7.36 23.02
N ASN B 4 -20.78 6.84 22.04
CA ASN B 4 -20.25 6.56 20.71
C ASN B 4 -20.72 7.63 19.72
N HIS B 5 -20.61 8.88 20.18
CA HIS B 5 -20.81 10.07 19.35
C HIS B 5 -19.47 10.81 19.27
N LEU B 6 -18.98 11.03 18.05
CA LEU B 6 -17.58 11.41 17.84
C LEU B 6 -17.44 12.72 17.10
N SER B 7 -16.51 13.54 17.58
CA SER B 7 -16.08 14.76 16.90
C SER B 7 -15.05 14.36 15.86
N ILE B 8 -15.29 14.71 14.60
CA ILE B 8 -14.48 14.25 13.48
C ILE B 8 -14.12 15.44 12.62
N VAL B 9 -12.84 15.55 12.29
CA VAL B 9 -12.32 16.65 11.47
C VAL B 9 -12.02 16.12 10.08
N THR B 10 -12.24 16.98 9.07
CA THR B 10 -11.88 16.68 7.69
C THR B 10 -11.30 17.94 7.02
N LEU B 11 -11.08 17.86 5.70
CA LEU B 11 -10.38 18.89 4.94
C LEU B 11 -10.81 18.82 3.47
N GLU B 12 -11.04 19.97 2.84
CA GLU B 12 -11.52 19.94 1.45
C GLU B 12 -10.39 19.57 0.50
N GLU B 13 -10.61 18.52 -0.29
CA GLU B 13 -9.71 18.17 -1.38
C GLU B 13 -10.45 17.17 -2.28
N ALA B 14 -11.03 17.66 -3.36
CA ALA B 14 -11.72 16.82 -4.34
C ALA B 14 -10.75 15.81 -4.92
N PRO B 15 -11.22 14.59 -5.20
CA PRO B 15 -12.58 14.06 -5.03
C PRO B 15 -12.78 13.39 -3.68
N PHE B 16 -11.75 13.49 -2.82
CA PHE B 16 -11.82 12.85 -1.51
C PHE B 16 -12.80 13.55 -0.59
N VAL B 17 -12.78 14.86 -0.53
CA VAL B 17 -13.79 15.61 0.22
C VAL B 17 -14.18 16.82 -0.62
N ILE B 18 -15.45 16.90 -1.00
CA ILE B 18 -15.96 18.02 -1.78
C ILE B 18 -16.96 18.78 -0.92
N VAL B 19 -16.76 20.09 -0.81
CA VAL B 19 -17.54 20.94 0.09
C VAL B 19 -18.50 21.78 -0.75
N GLU B 20 -19.75 21.81 -0.34
CA GLU B 20 -20.77 22.56 -1.06
C GLU B 20 -21.58 23.38 -0.08
N ASP B 21 -22.06 24.53 -0.54
CA ASP B 21 -22.99 25.31 0.26
C ASP B 21 -24.28 24.52 0.45
N ILE B 22 -24.91 24.75 1.60
CA ILE B 22 -26.11 24.00 1.95
C ILE B 22 -27.16 24.21 0.86
N ASP B 23 -27.84 23.11 0.49
CA ASP B 23 -28.86 23.11 -0.56
C ASP B 23 -29.73 24.35 -0.42
N PRO B 24 -30.06 25.05 -1.54
CA PRO B 24 -30.75 26.34 -1.76
C PRO B 24 -32.24 26.66 -1.47
N LEU B 25 -32.55 27.13 -0.25
CA LEU B 25 -31.79 26.74 0.92
C LEU B 25 -32.81 26.15 1.92
N THR B 26 -33.36 24.97 1.54
CA THR B 26 -34.24 24.12 2.37
C THR B 26 -33.58 23.73 3.69
N GLU B 27 -32.49 24.39 4.04
CA GLU B 27 -31.83 24.28 5.33
C GLU B 27 -31.16 22.93 5.54
N THR B 28 -31.09 22.08 4.51
CA THR B 28 -30.71 20.69 4.71
C THR B 28 -29.67 20.27 3.68
N CYS B 29 -28.86 19.28 4.07
CA CYS B 29 -27.98 18.59 3.14
C CYS B 29 -28.73 17.42 2.53
N VAL B 30 -28.68 17.34 1.20
CA VAL B 30 -29.48 16.38 0.44
C VAL B 30 -28.53 15.35 -0.18
N ARG B 31 -29.11 14.32 -0.80
CA ARG B 31 -28.45 13.34 -1.66
C ARG B 31 -27.18 12.72 -1.08
N ASN B 32 -26.09 12.91 -1.84
CA ASN B 32 -24.75 12.40 -1.57
C ASN B 32 -24.19 12.86 -0.23
N THR B 33 -24.73 13.91 0.38
CA THR B 33 -23.94 14.75 1.26
C THR B 33 -24.30 14.55 2.72
N VAL B 34 -23.36 14.92 3.58
CA VAL B 34 -23.54 14.91 5.03
C VAL B 34 -23.32 16.33 5.52
N PRO B 35 -23.87 16.71 6.67
CA PRO B 35 -23.56 18.04 7.21
C PRO B 35 -22.11 18.14 7.65
N CYS B 36 -21.48 19.28 7.34
CA CYS B 36 -20.18 19.62 7.92
C CYS B 36 -20.16 21.11 8.20
N ARG B 37 -19.72 21.48 9.40
CA ARG B 37 -19.64 22.88 9.78
C ARG B 37 -18.22 23.42 9.60
N LYS B 38 -18.12 24.69 9.26
CA LYS B 38 -16.86 25.37 9.08
C LYS B 38 -16.84 26.63 9.92
N PHE B 39 -15.73 26.89 10.59
CA PHE B 39 -15.53 28.12 11.36
C PHE B 39 -14.91 29.16 10.45
N VAL B 40 -15.62 30.25 10.19
CA VAL B 40 -15.16 31.26 9.23
C VAL B 40 -14.82 32.54 9.99
N LYS B 41 -13.60 33.02 9.82
CA LYS B 41 -13.13 34.19 10.53
C LYS B 41 -13.86 35.46 10.07
N ILE B 42 -14.08 36.36 11.01
CA ILE B 42 -14.63 37.68 10.67
C ILE B 42 -13.63 38.50 9.89
N ASN B 43 -12.35 38.50 10.30
CA ASN B 43 -11.26 39.14 9.57
C ASN B 43 -9.96 38.47 9.98
N ASN B 44 -8.82 38.92 9.42
CA ASN B 44 -7.53 38.31 9.73
C ASN B 44 -6.80 38.97 10.90
N SER B 45 -7.41 39.96 11.55
CA SER B 45 -6.85 40.59 12.73
C SER B 45 -7.48 40.05 14.01
N THR B 46 -8.18 38.93 13.93
CA THR B 46 -8.96 38.42 15.05
C THR B 46 -9.14 36.91 14.95
N ASN B 47 -9.34 36.29 16.11
CA ASN B 47 -9.74 34.89 16.21
C ASN B 47 -11.25 34.71 16.22
N GLU B 48 -12.02 35.79 16.21
CA GLU B 48 -13.47 35.68 16.21
C GLU B 48 -13.97 35.13 14.88
N GLY B 49 -15.04 34.34 14.93
CA GLY B 49 -15.66 33.85 13.72
C GLY B 49 -17.07 33.33 13.97
N MET B 50 -17.68 32.84 12.88
CA MET B 50 -19.00 32.23 12.87
C MET B 50 -18.91 30.83 12.29
N ASN B 51 -19.58 29.88 12.95
CA ASN B 51 -19.75 28.56 12.38
C ASN B 51 -20.71 28.64 11.22
N VAL B 52 -20.31 28.11 10.08
CA VAL B 52 -21.12 28.12 8.87
C VAL B 52 -21.43 26.69 8.48
N LYS B 53 -22.69 26.42 8.15
CA LYS B 53 -23.16 25.07 7.87
C LYS B 53 -22.93 24.77 6.40
N LYS B 54 -22.21 23.69 6.12
CA LYS B 54 -21.98 23.29 4.74
C LYS B 54 -22.33 21.82 4.60
N CYS B 55 -22.13 21.30 3.40
CA CYS B 55 -22.39 19.89 3.11
C CYS B 55 -21.16 19.30 2.43
N CYS B 56 -20.81 18.09 2.83
CA CYS B 56 -19.60 17.42 2.39
C CYS B 56 -19.96 16.13 1.67
N LYS B 57 -19.20 15.81 0.63
CA LYS B 57 -19.37 14.54 -0.03
C LYS B 57 -18.03 14.09 -0.58
N GLY B 58 -17.97 12.84 -1.04
CA GLY B 58 -16.79 12.39 -1.75
C GLY B 58 -16.31 11.02 -1.32
N PHE B 59 -15.17 10.60 -1.88
CA PHE B 59 -14.67 9.25 -1.61
C PHE B 59 -14.52 9.01 -0.09
N CYS B 60 -13.94 9.97 0.63
CA CYS B 60 -13.66 9.73 2.04
C CYS B 60 -14.91 9.84 2.88
N ILE B 61 -15.82 10.71 2.47
CA ILE B 61 -17.12 10.82 3.12
C ILE B 61 -17.91 9.53 2.94
N ASP B 62 -17.88 8.94 1.75
CA ASP B 62 -18.49 7.62 1.57
C ASP B 62 -17.85 6.58 2.48
N ILE B 63 -16.52 6.63 2.67
CA ILE B 63 -15.89 5.78 3.69
C ILE B 63 -16.49 6.06 5.07
N LEU B 64 -16.53 7.35 5.46
CA LEU B 64 -17.02 7.68 6.79
C LEU B 64 -18.41 7.10 7.00
N LYS B 65 -19.25 7.18 5.98
CA LYS B 65 -20.62 6.70 6.12
C LYS B 65 -20.68 5.20 6.32
N LYS B 66 -19.83 4.44 5.62
CA LYS B 66 -19.81 3.00 5.81
C LYS B 66 -19.26 2.64 7.18
N LEU B 67 -18.22 3.35 7.61
CA LEU B 67 -17.69 3.10 8.94
C LEU B 67 -18.71 3.41 10.00
N SER B 68 -19.43 4.51 9.82
CA SER B 68 -20.42 4.91 10.81
C SER B 68 -21.46 3.81 11.02
N ARG B 69 -21.87 3.15 9.96
CA ARG B 69 -22.92 2.13 10.06
C ARG B 69 -22.38 0.81 10.59
N THR B 70 -21.17 0.41 10.17
CA THR B 70 -20.60 -0.88 10.57
C THR B 70 -20.07 -0.85 12.00
N VAL B 71 -19.22 0.13 12.30
CA VAL B 71 -18.70 0.27 13.66
C VAL B 71 -19.74 0.84 14.62
N LYS B 72 -20.89 1.29 14.11
CA LYS B 72 -21.98 1.80 14.93
C LYS B 72 -21.54 3.02 15.75
N PHE B 73 -21.44 4.15 15.07
CA PHE B 73 -21.20 5.40 15.79
C PHE B 73 -21.89 6.53 15.06
N THR B 74 -22.11 7.63 15.78
CA THR B 74 -22.57 8.87 15.19
C THR B 74 -21.46 9.91 15.29
N TYR B 75 -21.58 10.98 14.50
CA TYR B 75 -20.48 11.93 14.41
C TYR B 75 -20.97 13.34 14.10
N ASP B 76 -20.19 14.31 14.59
CA ASP B 76 -20.32 15.71 14.17
C ASP B 76 -19.07 16.02 13.35
N LEU B 77 -19.29 16.28 12.07
CA LEU B 77 -18.21 16.52 11.12
C LEU B 77 -17.92 18.01 10.99
N TYR B 78 -16.65 18.39 11.13
CA TYR B 78 -16.25 19.78 10.88
C TYR B 78 -14.95 19.84 10.08
N LEU B 79 -14.77 20.94 9.36
CA LEU B 79 -13.62 21.17 8.50
C LEU B 79 -12.57 22.01 9.24
N VAL B 80 -11.30 21.65 9.05
CA VAL B 80 -10.23 22.24 9.84
C VAL B 80 -9.97 23.67 9.36
N THR B 81 -9.71 24.57 10.30
CA THR B 81 -9.56 25.97 9.90
C THR B 81 -8.14 26.52 9.93
N ASN B 82 -7.20 25.89 10.63
CA ASN B 82 -5.82 26.31 10.51
C ASN B 82 -4.93 25.14 10.13
N GLY B 83 -4.24 25.28 9.00
CA GLY B 83 -3.44 24.23 8.43
C GLY B 83 -4.23 23.45 7.39
N LYS B 84 -3.53 22.51 6.74
CA LYS B 84 -4.15 21.53 5.86
C LYS B 84 -4.11 20.19 6.55
N HIS B 85 -3.25 19.27 6.11
CA HIS B 85 -3.28 17.91 6.61
C HIS B 85 -2.65 17.79 7.99
N GLY B 86 -1.49 18.40 8.17
CA GLY B 86 -0.84 18.36 9.45
C GLY B 86 0.64 18.59 9.25
N LYS B 87 1.14 19.69 9.78
CA LYS B 87 2.56 19.99 9.72
C LYS B 87 3.00 20.46 11.10
N LYS B 88 4.19 20.03 11.53
CA LYS B 88 4.71 20.39 12.85
C LYS B 88 5.43 21.73 12.71
N VAL B 89 4.88 22.78 13.28
CA VAL B 89 5.50 24.11 13.26
C VAL B 89 6.01 24.41 14.67
N ASN B 90 7.33 24.41 14.83
CA ASN B 90 7.99 24.65 16.11
C ASN B 90 7.51 23.66 17.16
N ASN B 91 7.57 22.38 16.81
CA ASN B 91 7.09 21.27 17.63
C ASN B 91 5.59 21.33 17.93
N VAL B 92 4.80 22.14 17.21
CA VAL B 92 3.37 22.24 17.45
C VAL B 92 2.60 22.01 16.15
N TRP B 93 1.59 21.12 16.22
CA TRP B 93 0.88 20.61 15.04
C TRP B 93 -0.29 21.52 14.67
N ASN B 94 -0.41 21.82 13.37
CA ASN B 94 -1.62 22.42 12.85
C ASN B 94 -2.38 21.35 12.05
N GLY B 95 -3.29 21.80 11.19
CA GLY B 95 -4.06 20.94 10.31
C GLY B 95 -4.95 19.92 11.04
N MET B 96 -5.36 18.90 10.27
CA MET B 96 -6.17 17.84 10.84
C MET B 96 -5.43 17.12 11.97
N ILE B 97 -4.15 16.77 11.74
CA ILE B 97 -3.38 16.10 12.79
C ILE B 97 -3.44 16.90 14.10
N GLY B 98 -3.35 18.22 14.01
CA GLY B 98 -3.40 19.05 15.20
C GLY B 98 -4.71 18.92 15.96
N GLU B 99 -5.84 18.99 15.24
CA GLU B 99 -7.13 18.77 15.89
C GLU B 99 -7.17 17.45 16.62
N VAL B 100 -6.50 16.42 16.10
CA VAL B 100 -6.55 15.14 16.80
C VAL B 100 -5.66 15.17 18.03
N VAL B 101 -4.40 15.60 17.88
CA VAL B 101 -3.47 15.46 19.00
C VAL B 101 -3.93 16.31 20.17
N TYR B 102 -4.58 17.44 19.90
CA TYR B 102 -5.05 18.33 20.95
C TYR B 102 -6.52 18.09 21.30
N GLN B 103 -7.08 16.96 20.88
CA GLN B 103 -8.34 16.41 21.39
C GLN B 103 -9.54 17.29 21.11
N ARG B 104 -9.51 18.12 20.07
CA ARG B 104 -10.74 18.67 19.53
C ARG B 104 -11.47 17.66 18.65
N ALA B 105 -10.75 16.72 18.06
CA ALA B 105 -11.38 15.67 17.27
C ALA B 105 -10.77 14.34 17.67
N VAL B 106 -11.57 13.28 17.63
CA VAL B 106 -11.07 11.95 17.95
C VAL B 106 -10.69 11.16 16.71
N MET B 107 -11.09 11.61 15.52
CA MET B 107 -10.53 11.02 14.33
C MET B 107 -10.49 12.06 13.21
N ALA B 108 -9.72 11.76 12.20
CA ALA B 108 -9.55 12.66 11.08
C ALA B 108 -9.72 11.84 9.82
N VAL B 109 -10.56 12.33 8.90
CA VAL B 109 -10.98 11.59 7.73
C VAL B 109 -10.77 12.49 6.51
N GLY B 110 -10.09 11.98 5.51
CA GLY B 110 -9.72 12.81 4.38
C GLY B 110 -8.54 12.18 3.68
N SER B 111 -7.94 12.96 2.79
CA SER B 111 -6.75 12.52 2.07
C SER B 111 -5.49 12.70 2.93
N LEU B 112 -5.49 12.00 4.07
CA LEU B 112 -4.46 12.17 5.09
C LEU B 112 -3.42 11.06 4.95
N THR B 113 -2.20 11.42 4.53
CA THR B 113 -1.16 10.43 4.26
C THR B 113 -0.56 9.94 5.57
N ILE B 114 -0.37 8.62 5.66
CA ILE B 114 0.27 8.01 6.82
C ILE B 114 1.77 8.22 6.70
N ASN B 115 2.40 8.82 7.73
CA ASN B 115 3.86 8.88 7.77
C ASN B 115 4.36 8.67 9.21
N GLU B 116 5.68 8.51 9.34
CA GLU B 116 6.29 8.18 10.64
C GLU B 116 6.05 9.27 11.68
N GLU B 117 6.33 10.52 11.31
CA GLU B 117 6.28 11.61 12.27
C GLU B 117 4.88 11.73 12.87
N ARG B 118 3.85 11.71 12.01
CA ARG B 118 2.47 11.73 12.48
C ARG B 118 2.16 10.51 13.34
N SER B 119 2.71 9.34 12.96
CA SER B 119 2.37 8.09 13.65
C SER B 119 2.94 8.04 15.06
N GLU B 120 3.85 8.94 15.41
CA GLU B 120 4.32 9.02 16.79
C GLU B 120 3.34 9.75 17.70
N VAL B 121 2.42 10.55 17.15
CA VAL B 121 1.48 11.32 17.96
C VAL B 121 0.03 11.02 17.65
N VAL B 122 -0.27 10.14 16.69
CA VAL B 122 -1.64 9.72 16.42
C VAL B 122 -1.58 8.25 15.99
N ASP B 123 -2.69 7.56 16.15
CA ASP B 123 -2.84 6.22 15.59
C ASP B 123 -3.44 6.29 14.19
N PHE B 124 -3.01 5.39 13.32
CA PHE B 124 -3.53 5.33 11.96
C PHE B 124 -4.15 3.97 11.71
N SER B 125 -5.36 4.00 11.16
CA SER B 125 -5.99 2.85 10.55
C SER B 125 -5.10 2.23 9.50
N VAL B 126 -5.48 1.07 8.98
CA VAL B 126 -4.86 0.53 7.77
C VAL B 126 -5.06 1.52 6.63
N PRO B 127 -4.20 1.53 5.62
CA PRO B 127 -4.41 2.41 4.48
C PRO B 127 -5.57 1.91 3.63
N PHE B 128 -6.41 2.84 3.19
CA PHE B 128 -7.55 2.50 2.34
C PHE B 128 -7.44 3.01 0.90
N VAL B 129 -6.47 3.86 0.58
CA VAL B 129 -6.08 4.08 -0.81
C VAL B 129 -4.57 4.22 -0.84
N GLU B 130 -3.94 3.71 -1.89
CA GLU B 130 -2.49 3.77 -1.99
C GLU B 130 -2.01 5.10 -2.54
N THR B 131 -0.85 5.54 -2.05
CA THR B 131 -0.25 6.76 -2.58
C THR B 131 1.26 6.72 -2.35
N GLY B 132 1.90 7.86 -2.58
CA GLY B 132 3.33 7.99 -2.54
C GLY B 132 3.70 9.19 -3.38
N ILE B 133 4.98 9.28 -3.70
CA ILE B 133 5.42 10.34 -4.59
C ILE B 133 5.52 9.81 -6.01
N SER B 134 4.76 10.42 -6.92
CA SER B 134 4.73 10.00 -8.30
C SER B 134 5.22 11.13 -9.22
N VAL B 135 5.19 10.86 -10.53
CA VAL B 135 5.61 11.82 -11.54
C VAL B 135 4.59 11.86 -12.67
N MET B 136 4.24 13.06 -13.11
CA MET B 136 3.33 13.20 -14.24
C MET B 136 4.04 13.90 -15.39
N VAL B 137 3.90 13.35 -16.61
CA VAL B 137 4.46 13.95 -17.81
C VAL B 137 3.41 13.97 -18.90
N SER B 138 3.68 14.77 -19.95
CA SER B 138 2.91 14.68 -21.20
C SER B 138 3.27 13.39 -21.92
N ARG B 139 2.27 12.76 -22.55
CA ARG B 139 2.52 11.47 -23.18
C ARG B 139 3.60 11.61 -24.25
N GLY B 140 4.56 10.67 -24.24
CA GLY B 140 5.77 10.76 -25.02
C GLY B 140 7.03 10.90 -24.18
N THR B 141 6.95 11.52 -23.00
CA THR B 141 8.14 11.77 -22.20
C THR B 141 8.51 10.54 -21.39
N GLN B 142 9.81 10.33 -21.22
CA GLN B 142 10.42 9.06 -20.82
C GLN B 142 11.05 9.18 -19.43
N VAL B 143 10.34 8.71 -18.40
CA VAL B 143 10.81 8.82 -17.03
C VAL B 143 10.41 7.57 -16.26
N THR B 144 11.36 7.07 -15.45
CA THR B 144 11.05 5.93 -14.61
C THR B 144 10.29 6.36 -13.37
N GLY B 145 10.67 7.49 -12.79
CA GLY B 145 10.18 7.86 -11.48
C GLY B 145 11.13 8.83 -10.82
N LEU B 146 10.85 9.10 -9.54
CA LEU B 146 11.59 10.11 -8.80
C LEU B 146 13.10 9.83 -8.78
N SER B 147 13.51 8.56 -8.73
CA SER B 147 14.93 8.24 -8.59
C SER B 147 15.68 8.25 -9.91
N ASP B 148 15.00 8.45 -11.03
CA ASP B 148 15.66 8.60 -12.33
C ASP B 148 16.86 9.53 -12.21
N LYS B 149 17.99 9.12 -12.81
CA LYS B 149 19.17 10.00 -12.86
C LYS B 149 18.84 11.35 -13.48
N LYS B 150 17.79 11.39 -14.29
CA LYS B 150 17.41 12.59 -15.01
C LYS B 150 16.86 13.66 -14.07
N PHE B 151 16.32 13.24 -12.93
CA PHE B 151 15.98 14.12 -11.82
C PHE B 151 17.16 14.31 -10.86
N GLN B 152 17.95 13.25 -10.60
CA GLN B 152 18.94 13.29 -9.54
C GLN B 152 20.13 14.15 -9.92
N ARG B 153 20.59 14.06 -11.18
CA ARG B 153 21.69 14.89 -11.69
C ARG B 153 21.19 15.59 -12.95
N PRO B 154 20.35 16.61 -12.81
CA PRO B 154 19.73 17.23 -13.99
C PRO B 154 20.73 17.70 -15.05
N HIS B 155 21.90 18.19 -14.66
CA HIS B 155 22.80 18.78 -15.66
C HIS B 155 23.70 17.76 -16.36
N ASP B 156 23.48 16.47 -16.14
CA ASP B 156 24.09 15.47 -17.02
C ASP B 156 23.35 15.31 -18.33
N TYR B 157 22.27 16.07 -18.55
CA TYR B 157 21.48 16.01 -19.76
C TYR B 157 21.34 17.42 -20.33
N SER B 158 21.43 17.53 -21.65
CA SER B 158 21.22 18.82 -22.28
C SER B 158 20.14 18.72 -23.36
N PRO B 159 19.08 19.53 -23.22
CA PRO B 159 18.89 20.48 -22.11
C PRO B 159 18.46 19.78 -20.82
N PRO B 160 18.64 20.44 -19.68
CA PRO B 160 18.14 19.85 -18.42
C PRO B 160 16.61 19.87 -18.40
N PHE B 161 16.02 18.87 -17.74
CA PHE B 161 14.55 18.81 -17.60
C PHE B 161 14.03 19.86 -16.67
N ARG B 162 12.87 20.40 -17.02
CA ARG B 162 12.18 21.34 -16.19
C ARG B 162 11.14 20.55 -15.41
N PHE B 163 11.33 20.42 -14.11
CA PHE B 163 10.40 19.66 -13.30
C PHE B 163 10.27 20.33 -11.94
N GLY B 164 9.07 20.27 -11.40
CA GLY B 164 8.88 20.80 -10.07
C GLY B 164 7.75 20.17 -9.31
N THR B 165 7.46 20.79 -8.18
CA THR B 165 6.39 20.38 -7.29
C THR B 165 5.73 21.64 -6.75
N VAL B 166 4.69 21.48 -5.92
CA VAL B 166 4.14 22.58 -5.14
C VAL B 166 4.91 22.60 -3.82
N PRO B 167 5.54 23.72 -3.44
CA PRO B 167 6.40 23.72 -2.25
C PRO B 167 5.60 23.77 -0.95
N ASN B 168 6.32 23.55 0.15
CA ASN B 168 5.84 23.64 1.54
C ASN B 168 4.97 22.48 2.00
N GLY B 169 4.88 21.40 1.23
CA GLY B 169 4.20 20.20 1.69
C GLY B 169 5.11 18.99 1.83
N SER B 170 4.50 17.80 1.94
CA SER B 170 5.28 16.59 2.17
C SER B 170 6.21 16.27 1.00
N THR B 171 5.79 16.57 -0.24
CA THR B 171 6.64 16.21 -1.37
C THR B 171 7.96 16.96 -1.32
N GLU B 172 7.89 18.29 -1.12
CA GLU B 172 9.14 19.06 -1.00
C GLU B 172 10.00 18.55 0.16
N ARG B 173 9.38 18.30 1.31
CA ARG B 173 10.14 17.86 2.48
C ARG B 173 10.84 16.54 2.22
N ASN B 174 10.16 15.63 1.53
CA ASN B 174 10.75 14.32 1.27
C ASN B 174 11.95 14.43 0.33
N ILE B 175 11.81 15.22 -0.74
CA ILE B 175 12.89 15.39 -1.70
C ILE B 175 14.08 16.10 -1.06
N ARG B 176 13.81 17.06 -0.16
CA ARG B 176 14.91 17.76 0.51
C ARG B 176 15.75 16.79 1.32
N ASN B 177 15.11 15.85 2.04
CA ASN B 177 15.82 14.88 2.88
C ASN B 177 16.55 13.82 2.07
N ASN B 178 15.98 13.37 0.94
CA ASN B 178 16.56 12.27 0.18
C ASN B 178 17.48 12.69 -0.96
N TYR B 179 17.21 13.81 -1.62
CA TYR B 179 17.89 14.19 -2.86
C TYR B 179 18.20 15.68 -2.80
N PRO B 180 19.23 16.06 -2.04
CA PRO B 180 19.39 17.49 -1.75
C PRO B 180 19.67 18.31 -2.99
N TYR B 181 20.46 17.78 -3.93
CA TYR B 181 20.72 18.55 -5.13
C TYR B 181 19.46 18.67 -6.00
N MET B 182 18.70 17.57 -6.14
CA MET B 182 17.43 17.67 -6.86
C MET B 182 16.60 18.82 -6.30
N HIS B 183 16.55 18.92 -4.98
CA HIS B 183 15.70 19.91 -4.34
C HIS B 183 16.20 21.31 -4.63
N GLN B 184 17.51 21.51 -4.55
CA GLN B 184 18.10 22.79 -4.90
C GLN B 184 17.76 23.17 -6.33
N TYR B 185 17.81 22.18 -7.22
CA TYR B 185 17.62 22.44 -8.65
C TYR B 185 16.18 22.83 -8.97
N MET B 186 15.20 22.18 -8.34
CA MET B 186 13.83 22.32 -8.82
C MET B 186 13.07 23.50 -8.19
N THR B 187 13.63 24.14 -7.17
CA THR B 187 12.97 25.31 -6.59
C THR B 187 12.65 26.34 -7.67
N ARG B 188 13.53 26.52 -8.65
CA ARG B 188 13.21 27.47 -9.70
C ARG B 188 11.96 27.09 -10.49
N PHE B 189 11.45 25.85 -10.31
CA PHE B 189 10.27 25.38 -11.01
C PHE B 189 9.08 25.20 -10.09
N ASN B 190 9.10 25.76 -8.87
CA ASN B 190 7.96 25.64 -7.98
C ASN B 190 6.68 26.05 -8.70
N GLN B 191 5.64 25.26 -8.52
CA GLN B 191 4.30 25.55 -9.01
C GLN B 191 3.45 25.94 -7.80
N ARG B 192 2.53 26.88 -7.97
CA ARG B 192 1.82 27.26 -6.75
C ARG B 192 0.55 26.44 -6.52
N GLY B 193 0.12 25.64 -7.49
CA GLY B 193 -0.93 24.69 -7.17
C GLY B 193 -0.89 23.54 -8.15
N VAL B 194 -1.68 22.50 -7.83
CA VAL B 194 -1.82 21.39 -8.77
C VAL B 194 -2.33 21.87 -10.12
N GLU B 195 -3.33 22.74 -10.12
CA GLU B 195 -3.95 23.03 -11.40
C GLU B 195 -3.10 23.94 -12.27
N ASP B 196 -2.27 24.81 -11.68
CA ASP B 196 -1.28 25.53 -12.47
C ASP B 196 -0.21 24.59 -13.02
N ALA B 197 0.22 23.60 -12.23
CA ALA B 197 1.21 22.66 -12.74
C ALA B 197 0.67 21.90 -13.94
N LEU B 198 -0.60 21.51 -13.89
CA LEU B 198 -1.16 20.80 -15.03
C LEU B 198 -1.10 21.66 -16.28
N VAL B 199 -1.50 22.94 -16.17
CA VAL B 199 -1.49 23.76 -17.38
C VAL B 199 -0.06 23.98 -17.86
N SER B 200 0.89 24.22 -16.94
CA SER B 200 2.29 24.30 -17.36
C SER B 200 2.76 23.02 -18.06
N LEU B 201 2.25 21.85 -17.64
CA LEU B 201 2.61 20.64 -18.37
C LEU B 201 2.01 20.63 -19.78
N LYS B 202 0.70 20.85 -19.89
CA LYS B 202 0.02 20.77 -21.18
C LYS B 202 0.48 21.85 -22.15
N THR B 203 1.12 22.91 -21.69
CA THR B 203 1.50 24.02 -22.55
C THR B 203 3.01 24.11 -22.77
N GLY B 204 3.77 23.12 -22.32
CA GLY B 204 5.19 23.06 -22.60
C GLY B 204 6.10 23.89 -21.72
N LYS B 205 5.58 24.53 -20.68
CA LYS B 205 6.45 25.29 -19.78
C LYS B 205 7.16 24.37 -18.77
N LEU B 206 6.63 23.16 -18.54
CA LEU B 206 7.15 22.19 -17.59
C LEU B 206 7.23 20.82 -18.27
N ASP B 207 8.30 20.07 -17.99
CA ASP B 207 8.45 18.71 -18.50
C ASP B 207 7.90 17.65 -17.55
N ALA B 208 7.91 17.89 -16.24
CA ALA B 208 7.46 16.89 -15.28
C ALA B 208 6.93 17.57 -14.03
N PHE B 209 5.90 16.98 -13.44
CA PHE B 209 5.34 17.44 -12.18
C PHE B 209 5.40 16.30 -11.16
N ILE B 210 5.95 16.58 -9.98
CA ILE B 210 6.20 15.58 -8.95
C ILE B 210 5.26 15.82 -7.79
N TYR B 211 4.51 14.80 -7.40
CA TYR B 211 3.46 15.02 -6.40
C TYR B 211 2.87 13.69 -5.94
N ASP B 212 1.82 13.82 -5.12
CA ASP B 212 1.06 12.74 -4.50
C ASP B 212 0.46 11.84 -5.58
N ALA B 213 0.82 10.56 -5.53
CA ALA B 213 0.41 9.61 -6.56
C ALA B 213 -1.10 9.52 -6.69
N ALA B 214 -1.82 9.51 -5.57
CA ALA B 214 -3.26 9.37 -5.65
C ALA B 214 -3.89 10.56 -6.36
N VAL B 215 -3.42 11.78 -6.06
CA VAL B 215 -3.91 12.97 -6.75
C VAL B 215 -3.54 12.94 -8.23
N LEU B 216 -2.28 12.59 -8.54
CA LEU B 216 -1.85 12.61 -9.94
C LEU B 216 -2.63 11.59 -10.77
N ASN B 217 -2.88 10.40 -10.23
CA ASN B 217 -3.67 9.41 -10.95
C ASN B 217 -5.08 9.91 -11.22
N TYR B 218 -5.70 10.56 -10.23
CA TYR B 218 -7.01 11.16 -10.45
C TYR B 218 -6.99 12.19 -11.57
N LYS B 219 -6.01 13.09 -11.55
CA LYS B 219 -5.96 14.14 -12.57
C LYS B 219 -5.70 13.55 -13.95
N ALA B 220 -4.80 12.58 -14.04
CA ALA B 220 -4.51 11.93 -15.33
C ALA B 220 -5.73 11.22 -15.90
N GLY B 221 -6.50 10.55 -15.04
CA GLY B 221 -7.63 9.79 -15.52
C GLY B 221 -8.78 10.63 -16.06
N ARG B 222 -8.78 11.93 -15.79
CA ARG B 222 -9.84 12.83 -16.22
C ARG B 222 -9.32 13.95 -17.12
N ASP B 223 -8.05 13.91 -17.52
CA ASP B 223 -7.48 15.00 -18.30
C ASP B 223 -8.07 15.02 -19.71
N GLU B 224 -8.61 16.18 -20.11
CA GLU B 224 -9.22 16.32 -21.44
C GLU B 224 -8.15 16.20 -22.52
N GLY B 225 -8.36 15.26 -23.44
CA GLY B 225 -7.35 14.90 -24.41
C GLY B 225 -6.57 13.67 -24.02
N CYS B 226 -6.64 13.26 -22.76
CA CYS B 226 -5.81 12.17 -22.20
C CYS B 226 -4.36 12.32 -22.62
N LYS B 227 -3.80 13.51 -22.40
CA LYS B 227 -2.42 13.78 -22.76
C LYS B 227 -1.43 13.63 -21.60
N LEU B 228 -1.90 13.63 -20.36
CA LEU B 228 -1.01 13.56 -19.19
C LEU B 228 -0.96 12.15 -18.66
N VAL B 229 0.24 11.66 -18.36
CA VAL B 229 0.39 10.31 -17.84
C VAL B 229 1.27 10.32 -16.60
N THR B 230 1.01 9.37 -15.70
CA THR B 230 1.87 9.10 -14.56
C THR B 230 2.65 7.81 -14.80
N ILE B 231 3.56 7.53 -13.88
CA ILE B 231 4.34 6.31 -13.94
C ILE B 231 3.53 5.15 -13.35
N GLY B 232 3.98 3.93 -13.63
CA GLY B 232 3.33 2.76 -13.07
C GLY B 232 3.59 2.65 -11.59
N SER B 233 2.62 2.08 -10.87
CA SER B 233 2.67 2.07 -9.41
C SER B 233 3.89 1.32 -8.88
N GLY B 234 4.54 0.48 -9.69
CA GLY B 234 5.78 -0.14 -9.25
C GLY B 234 6.93 0.82 -9.08
N TYR B 235 6.81 2.03 -9.65
CA TYR B 235 7.87 3.04 -9.57
C TYR B 235 7.49 4.20 -8.66
N ILE B 236 6.43 4.05 -7.87
CA ILE B 236 6.06 5.08 -6.92
C ILE B 236 7.07 5.06 -5.78
N PHE B 237 7.47 6.23 -5.34
CA PHE B 237 8.51 6.37 -4.34
C PHE B 237 7.86 6.58 -2.98
N ALA B 238 8.46 5.98 -1.95
CA ALA B 238 7.98 6.14 -0.58
C ALA B 238 6.51 5.73 -0.48
N THR B 239 6.20 4.52 -0.97
CA THR B 239 4.83 4.06 -1.01
C THR B 239 4.22 4.04 0.39
N THR B 240 2.97 4.46 0.48
CA THR B 240 2.20 4.55 1.73
C THR B 240 0.74 4.69 1.31
N GLY B 241 -0.12 5.15 2.21
CA GLY B 241 -1.53 5.27 1.88
C GLY B 241 -2.21 6.36 2.68
N TYR B 242 -3.38 6.79 2.20
CA TYR B 242 -4.24 7.58 3.06
C TYR B 242 -4.78 6.67 4.15
N GLY B 243 -4.87 7.19 5.37
CA GLY B 243 -5.50 6.48 6.45
C GLY B 243 -6.32 7.41 7.30
N ILE B 244 -7.09 6.82 8.20
CA ILE B 244 -7.86 7.56 9.19
C ILE B 244 -7.03 7.70 10.47
N ALA B 245 -6.88 8.93 10.95
CA ALA B 245 -6.12 9.18 12.17
C ALA B 245 -7.05 9.12 13.37
N LEU B 246 -6.57 8.53 14.46
CA LEU B 246 -7.33 8.50 15.70
C LEU B 246 -6.44 9.00 16.82
N GLN B 247 -7.04 9.42 17.92
CA GLN B 247 -6.25 9.74 19.11
C GLN B 247 -5.44 8.53 19.51
N LYS B 248 -4.23 8.78 19.99
CA LYS B 248 -3.38 7.72 20.50
C LYS B 248 -4.13 6.87 21.52
N GLY B 249 -4.03 5.55 21.37
CA GLY B 249 -4.69 4.63 22.28
C GLY B 249 -6.18 4.51 22.11
N SER B 250 -6.72 4.86 20.94
CA SER B 250 -8.16 4.98 20.78
C SER B 250 -8.83 3.60 20.83
N PRO B 251 -10.02 3.50 21.43
CA PRO B 251 -10.77 2.24 21.44
C PRO B 251 -11.45 1.91 20.13
N TRP B 252 -11.36 2.78 19.13
CA TRP B 252 -11.98 2.56 17.83
C TRP B 252 -11.04 1.94 16.81
N LYS B 253 -9.73 1.93 17.06
CA LYS B 253 -8.78 1.60 16.02
C LYS B 253 -8.95 0.16 15.53
N ARG B 254 -9.16 -0.78 16.44
CA ARG B 254 -9.27 -2.17 16.00
C ARG B 254 -10.50 -2.38 15.12
N GLN B 255 -11.64 -1.85 15.53
CA GLN B 255 -12.86 -2.07 14.74
C GLN B 255 -12.89 -1.21 13.47
N ILE B 256 -12.26 -0.03 13.47
CA ILE B 256 -12.12 0.72 12.21
C ILE B 256 -11.25 -0.06 11.23
N ASP B 257 -10.17 -0.67 11.74
CA ASP B 257 -9.23 -1.41 10.90
C ASP B 257 -9.86 -2.66 10.29
N LEU B 258 -10.59 -3.42 11.10
CA LEU B 258 -11.23 -4.61 10.59
C LEU B 258 -12.29 -4.26 9.56
N ALA B 259 -12.97 -3.13 9.77
CA ALA B 259 -14.03 -2.71 8.86
C ALA B 259 -13.44 -2.31 7.50
N LEU B 260 -12.36 -1.52 7.50
CA LEU B 260 -11.73 -1.16 6.24
C LEU B 260 -11.22 -2.39 5.51
N LEU B 261 -10.64 -3.36 6.25
CA LEU B 261 -10.16 -4.58 5.59
C LEU B 261 -11.32 -5.39 5.04
N GLN B 262 -12.45 -5.40 5.74
CA GLN B 262 -13.65 -6.01 5.17
C GLN B 262 -14.07 -5.31 3.86
N PHE B 263 -14.04 -3.96 3.85
CA PHE B 263 -14.46 -3.22 2.65
C PHE B 263 -13.53 -3.50 1.48
N VAL B 264 -12.22 -3.57 1.72
CA VAL B 264 -11.29 -3.90 0.65
C VAL B 264 -11.56 -5.30 0.14
N GLY B 265 -11.59 -6.27 1.06
CA GLY B 265 -11.64 -7.66 0.65
C GLY B 265 -12.91 -8.03 -0.10
N ASP B 266 -14.02 -7.37 0.19
CA ASP B 266 -15.31 -7.80 -0.34
C ASP B 266 -15.79 -6.97 -1.52
N GLY B 267 -14.91 -6.17 -2.12
CA GLY B 267 -15.27 -5.40 -3.29
C GLY B 267 -15.75 -3.98 -3.04
N GLU B 268 -16.26 -3.67 -1.84
CA GLU B 268 -16.89 -2.37 -1.62
C GLU B 268 -15.94 -1.22 -1.88
N MET B 269 -14.67 -1.36 -1.49
CA MET B 269 -13.71 -0.30 -1.76
C MET B 269 -13.54 -0.09 -3.26
N GLU B 270 -13.51 -1.18 -4.01
CA GLU B 270 -13.35 -1.08 -5.46
C GLU B 270 -14.50 -0.28 -6.07
N GLU B 271 -15.73 -0.53 -5.62
CA GLU B 271 -16.86 0.24 -6.12
C GLU B 271 -16.70 1.73 -5.80
N LEU B 272 -16.20 2.05 -4.60
CA LEU B 272 -16.00 3.47 -4.28
C LEU B 272 -14.95 4.09 -5.19
N GLU B 273 -13.91 3.34 -5.52
CA GLU B 273 -12.89 3.88 -6.43
C GLU B 273 -13.47 4.16 -7.81
N THR B 274 -14.30 3.25 -8.31
CA THR B 274 -14.95 3.44 -9.60
C THR B 274 -15.90 4.62 -9.56
N LEU B 275 -16.55 4.83 -8.42
CA LEU B 275 -17.53 5.91 -8.33
C LEU B 275 -16.86 7.28 -8.31
N TRP B 276 -15.70 7.40 -7.65
CA TRP B 276 -15.09 8.70 -7.39
C TRP B 276 -13.73 8.94 -8.04
N LEU B 277 -12.92 7.91 -8.22
CA LEU B 277 -11.51 8.12 -8.58
C LEU B 277 -11.17 7.73 -10.01
N THR B 278 -11.78 6.67 -10.55
CA THR B 278 -11.45 6.24 -11.91
C THR B 278 -12.04 7.20 -12.93
N GLY B 279 -11.23 7.57 -13.92
CA GLY B 279 -11.71 8.49 -14.92
C GLY B 279 -11.77 7.94 -16.34
N ILE B 280 -12.03 8.83 -17.29
CA ILE B 280 -12.25 8.43 -18.67
C ILE B 280 -10.96 8.03 -19.39
N CYS B 281 -9.80 8.45 -18.90
CA CYS B 281 -8.53 8.09 -19.54
C CYS B 281 -8.00 6.79 -18.97
N HIS B 282 -7.46 5.95 -19.87
CA HIS B 282 -7.00 4.59 -19.52
C HIS B 282 -8.11 3.76 -18.89
#